data_5DUT
#
_entry.id   5DUT
#
_cell.length_a   93.590
_cell.length_b   93.590
_cell.length_c   48.376
_cell.angle_alpha   90.00
_cell.angle_beta   90.00
_cell.angle_gamma   120.00
#
_symmetry.space_group_name_H-M   'P 61'
#
loop_
_entity.id
_entity.type
_entity.pdbx_description
1 polymer Hemagglutinin
2 non-polymer 2-acetamido-2-deoxy-beta-D-glucopyranose
3 water water
#
_entity_poly.entity_id   1
_entity_poly.type   'polypeptide(L)'
_entity_poly.pdbx_seq_one_letter_code
;ADPDGVKPLILRDCSVAGWLLGNPMCDEFINVPEWSYIVEKANPANDLCYPGNFNDYEELKHLLSRINHFEKIQIIPKSS
WSDHEASSGVSSACPYQGTPSFFRNVVWLIKKNNTYPTIKRSYNNTNQEDLLILWGIHHSNDAAEQTKLYQNPTTYISVG
TSTLNQRLVPKIATRSKVNGQSGRMDFFWTILKPNDAINFESNGNFIAPEYAYKIVKKGDSAIVKSEHHHHHH
;
_entity_poly.pdbx_strand_id   A
#
# COMPACT_ATOMS: atom_id res chain seq x y z
N VAL A 6 -12.35 18.95 13.83
CA VAL A 6 -12.25 17.67 13.14
C VAL A 6 -13.54 17.39 12.35
N LYS A 7 -13.38 17.27 11.03
CA LYS A 7 -14.52 17.13 10.12
C LYS A 7 -14.54 15.74 9.48
N PRO A 8 -15.70 15.35 8.91
CA PRO A 8 -15.75 14.09 8.14
C PRO A 8 -14.88 14.19 6.88
N LEU A 9 -14.42 13.05 6.39
CA LEU A 9 -13.71 12.98 5.12
C LEU A 9 -14.70 12.59 4.03
N ILE A 10 -15.09 13.55 3.21
CA ILE A 10 -16.04 13.31 2.13
C ILE A 10 -15.29 13.17 0.81
N LEU A 11 -15.08 11.92 0.40
CA LEU A 11 -14.38 11.62 -0.84
C LEU A 11 -15.22 12.06 -2.04
N ARG A 12 -14.63 12.86 -2.92
CA ARG A 12 -15.35 13.28 -4.11
C ARG A 12 -15.15 12.27 -5.24
N ASP A 13 -13.96 12.23 -5.81
CA ASP A 13 -13.72 11.43 -7.00
C ASP A 13 -12.99 10.12 -6.72
N CYS A 14 -12.77 9.82 -5.44
CA CYS A 14 -11.88 8.72 -5.06
C CYS A 14 -12.62 7.65 -4.27
N SER A 15 -12.29 6.38 -4.54
CA SER A 15 -12.76 5.26 -3.75
C SER A 15 -12.01 5.18 -2.44
N VAL A 16 -12.53 4.36 -1.52
CA VAL A 16 -11.87 4.08 -0.26
C VAL A 16 -10.44 3.56 -0.50
N ALA A 17 -10.31 2.57 -1.37
CA ALA A 17 -9.00 1.99 -1.68
C ALA A 17 -8.09 3.05 -2.28
N GLY A 18 -8.62 3.82 -3.21
CA GLY A 18 -7.82 4.82 -3.90
C GLY A 18 -7.30 5.87 -2.94
N TRP A 19 -8.13 6.34 -2.02
CA TRP A 19 -7.71 7.35 -1.06
C TRP A 19 -6.66 6.81 -0.10
N LEU A 20 -6.91 5.63 0.46
CA LEU A 20 -5.97 5.02 1.41
C LEU A 20 -4.59 4.86 0.81
N LEU A 21 -4.55 4.36 -0.41
CA LEU A 21 -3.28 4.10 -1.08
C LEU A 21 -2.68 5.39 -1.61
N GLY A 22 -3.52 6.39 -1.88
CA GLY A 22 -3.06 7.67 -2.37
C GLY A 22 -2.97 7.78 -3.89
N ASN A 23 -3.99 7.29 -4.59
CA ASN A 23 -4.11 7.44 -6.03
C ASN A 23 -3.85 8.90 -6.40
N PRO A 24 -2.84 9.15 -7.24
CA PRO A 24 -2.48 10.54 -7.52
C PRO A 24 -3.52 11.26 -8.38
N MET A 25 -4.47 10.53 -8.94
CA MET A 25 -5.51 11.15 -9.77
C MET A 25 -6.60 11.74 -8.88
N CYS A 26 -6.55 11.44 -7.59
CA CYS A 26 -7.51 11.98 -6.62
C CYS A 26 -7.01 13.31 -6.04
N ASP A 27 -7.69 14.39 -6.41
CA ASP A 27 -7.27 15.75 -6.03
C ASP A 27 -7.52 16.02 -4.54
N PRO A 33 -4.87 15.45 7.87
CA PRO A 33 -4.15 14.54 8.76
C PRO A 33 -5.07 13.80 9.73
N GLU A 34 -6.22 14.40 10.02
CA GLU A 34 -7.15 13.84 11.00
C GLU A 34 -8.58 14.15 10.60
N TRP A 35 -9.43 13.12 10.61
CA TRP A 35 -10.84 13.31 10.30
C TRP A 35 -11.70 12.40 11.15
N SER A 36 -13.02 12.54 11.03
CA SER A 36 -13.91 11.74 11.87
C SER A 36 -14.33 10.49 11.12
N TYR A 37 -15.46 10.52 10.44
CA TYR A 37 -15.88 9.37 9.63
C TYR A 37 -15.58 9.61 8.15
N ILE A 38 -15.69 8.56 7.36
CA ILE A 38 -15.40 8.62 5.94
C ILE A 38 -16.66 8.41 5.11
N VAL A 39 -16.83 9.21 4.06
CA VAL A 39 -17.94 9.01 3.15
C VAL A 39 -17.43 8.84 1.73
N GLU A 40 -17.84 7.74 1.10
CA GLU A 40 -17.46 7.41 -0.25
C GLU A 40 -18.67 7.52 -1.17
N LYS A 41 -18.51 8.10 -2.36
CA LYS A 41 -19.63 8.22 -3.30
C LYS A 41 -19.98 6.89 -3.97
N ALA A 42 -21.12 6.83 -4.65
CA ALA A 42 -21.60 5.60 -5.27
C ALA A 42 -20.71 5.10 -6.42
N ASN A 43 -20.24 6.03 -7.25
CA ASN A 43 -19.48 5.63 -8.44
C ASN A 43 -18.23 6.47 -8.64
N PRO A 44 -17.25 6.35 -7.73
CA PRO A 44 -16.06 7.20 -7.85
C PRO A 44 -15.28 6.91 -9.13
N ALA A 45 -14.82 7.96 -9.79
CA ALA A 45 -14.08 7.82 -11.04
C ALA A 45 -12.75 7.12 -10.80
N ASN A 46 -12.15 7.36 -9.65
CA ASN A 46 -10.79 6.90 -9.39
C ASN A 46 -10.76 5.85 -8.29
N ASP A 47 -10.27 4.66 -8.61
CA ASP A 47 -10.17 3.55 -7.66
C ASP A 47 -8.69 3.21 -7.57
N LEU A 48 -8.32 2.03 -8.08
CA LEU A 48 -6.91 1.70 -8.26
C LEU A 48 -6.50 2.10 -9.68
N CYS A 49 -5.60 3.06 -9.82
CA CYS A 49 -5.15 3.45 -11.15
C CYS A 49 -4.34 2.33 -11.82
N TYR A 50 -3.47 1.68 -11.06
CA TYR A 50 -2.70 0.54 -11.57
C TYR A 50 -3.56 -0.71 -11.45
N PRO A 51 -3.61 -1.55 -12.50
CA PRO A 51 -4.51 -2.71 -12.43
C PRO A 51 -4.06 -3.76 -11.42
N GLY A 52 -5.03 -4.44 -10.82
CA GLY A 52 -4.73 -5.48 -9.86
C GLY A 52 -5.90 -5.68 -8.92
N ASN A 53 -5.60 -6.10 -7.71
CA ASN A 53 -6.65 -6.45 -6.76
C ASN A 53 -6.40 -5.84 -5.40
N PHE A 54 -7.48 -5.44 -4.74
CA PHE A 54 -7.39 -5.03 -3.35
C PHE A 54 -8.01 -6.16 -2.52
N ASN A 55 -7.19 -6.84 -1.71
CA ASN A 55 -7.65 -8.01 -0.96
C ASN A 55 -8.64 -7.68 0.15
N ASP A 56 -9.67 -8.51 0.28
CA ASP A 56 -10.69 -8.37 1.34
C ASP A 56 -11.22 -6.95 1.38
N TYR A 57 -11.61 -6.46 0.20
CA TYR A 57 -12.03 -5.09 0.06
C TYR A 57 -13.40 -4.85 0.71
N GLU A 58 -14.33 -5.78 0.50
CA GLU A 58 -15.63 -5.66 1.14
C GLU A 58 -15.50 -5.58 2.65
N GLU A 59 -14.65 -6.43 3.21
CA GLU A 59 -14.41 -6.44 4.63
C GLU A 59 -13.85 -5.10 5.12
N LEU A 60 -12.88 -4.55 4.38
CA LEU A 60 -12.32 -3.27 4.78
C LEU A 60 -13.36 -2.15 4.74
N LYS A 61 -14.19 -2.12 3.69
CA LYS A 61 -15.17 -1.06 3.58
C LYS A 61 -16.17 -1.11 4.75
N HIS A 62 -16.57 -2.31 5.15
CA HIS A 62 -17.48 -2.43 6.28
C HIS A 62 -16.78 -1.97 7.56
N LEU A 63 -15.53 -2.41 7.77
CA LEU A 63 -14.78 -1.96 8.95
C LEU A 63 -14.67 -0.45 8.97
N LEU A 64 -14.33 0.15 7.83
CA LEU A 64 -14.10 1.59 7.83
C LEU A 64 -15.41 2.38 8.02
N SER A 65 -16.54 1.79 7.65
CA SER A 65 -17.83 2.44 7.85
C SER A 65 -18.19 2.53 9.34
N ARG A 66 -17.46 1.77 10.16
CA ARG A 66 -17.71 1.72 11.61
C ARG A 66 -16.76 2.59 12.40
N ILE A 67 -15.91 3.35 11.70
CA ILE A 67 -14.88 4.17 12.33
C ILE A 67 -15.33 5.63 12.39
N ASN A 68 -15.13 6.32 13.51
CA ASN A 68 -15.41 7.76 13.47
C ASN A 68 -14.27 8.62 13.98
N HIS A 69 -13.06 8.03 14.04
CA HIS A 69 -11.83 8.79 14.23
CA HIS A 69 -11.86 8.84 14.14
C HIS A 69 -10.73 8.19 13.36
N PHE A 70 -10.12 9.00 12.50
CA PHE A 70 -8.97 8.61 11.67
C PHE A 70 -7.83 9.58 11.88
N GLU A 71 -6.62 9.07 11.95
CA GLU A 71 -5.46 9.96 11.87
C GLU A 71 -4.37 9.30 11.05
N LYS A 72 -3.89 10.03 10.05
CA LYS A 72 -2.83 9.52 9.19
C LYS A 72 -1.49 9.75 9.85
N ILE A 73 -0.69 8.71 9.99
CA ILE A 73 0.63 8.84 10.57
C ILE A 73 1.68 8.22 9.67
N GLN A 74 2.88 8.77 9.71
CA GLN A 74 4.00 8.21 8.96
C GLN A 74 4.66 7.15 9.82
N ILE A 75 4.68 5.91 9.34
CA ILE A 75 5.28 4.84 10.12
C ILE A 75 6.63 4.35 9.58
N ILE A 76 6.81 4.42 8.27
CA ILE A 76 8.11 4.09 7.69
C ILE A 76 8.48 5.19 6.72
N PRO A 77 9.28 6.15 7.18
CA PRO A 77 9.60 7.29 6.32
C PRO A 77 10.27 6.84 5.03
N LYS A 78 9.86 7.43 3.92
CA LYS A 78 10.43 7.11 2.62
C LYS A 78 11.95 7.33 2.65
N SER A 79 12.38 8.32 3.43
CA SER A 79 13.80 8.63 3.56
C SER A 79 14.61 7.52 4.23
N SER A 80 13.94 6.53 4.83
CA SER A 80 14.64 5.48 5.56
C SER A 80 15.10 4.32 4.68
N TRP A 81 14.76 4.37 3.38
CA TRP A 81 15.19 3.32 2.46
C TRP A 81 16.55 3.65 1.86
N SER A 82 17.60 3.43 2.63
CA SER A 82 18.94 3.82 2.19
C SER A 82 19.48 3.04 1.01
N ASP A 83 19.04 1.80 0.83
CA ASP A 83 19.68 0.92 -0.12
C ASP A 83 18.78 0.51 -1.29
N HIS A 84 17.63 1.18 -1.40
CA HIS A 84 16.66 0.92 -2.46
C HIS A 84 16.14 2.24 -2.99
N GLU A 85 15.93 2.33 -4.29
CA GLU A 85 15.27 3.52 -4.82
C GLU A 85 13.83 3.56 -4.35
N ALA A 86 13.38 4.73 -3.91
CA ALA A 86 12.02 4.86 -3.39
C ALA A 86 11.18 5.88 -4.16
N SER A 87 11.77 6.55 -5.15
CA SER A 87 11.03 7.56 -5.91
C SER A 87 11.16 7.37 -7.42
N SER A 88 11.65 6.21 -7.85
CA SER A 88 11.86 5.96 -9.28
C SER A 88 10.76 5.14 -9.93
N GLY A 89 9.91 4.52 -9.11
CA GLY A 89 8.87 3.65 -9.65
C GLY A 89 7.59 4.43 -9.90
N VAL A 90 7.28 4.66 -11.16
CA VAL A 90 6.08 5.40 -11.56
C VAL A 90 5.47 4.75 -12.79
N SER A 91 4.25 5.15 -13.12
CA SER A 91 3.51 4.51 -14.20
C SER A 91 2.58 5.48 -14.92
N SER A 92 2.45 5.30 -16.23
CA SER A 92 1.47 6.05 -17.00
C SER A 92 0.03 5.69 -16.61
N ALA A 93 -0.15 4.57 -15.92
CA ALA A 93 -1.47 4.24 -15.36
C ALA A 93 -1.86 5.21 -14.25
N CYS A 94 -0.86 5.79 -13.61
CA CYS A 94 -1.08 6.65 -12.44
C CYS A 94 -0.50 8.03 -12.63
N PRO A 95 -1.03 8.81 -13.57
CA PRO A 95 -0.38 10.10 -13.86
C PRO A 95 -0.67 11.19 -12.85
N TYR A 96 0.26 12.14 -12.75
CA TYR A 96 0.02 13.39 -12.03
C TYR A 96 0.47 14.53 -12.93
N GLN A 97 -0.45 15.44 -13.22
CA GLN A 97 -0.17 16.55 -14.13
C GLN A 97 0.47 16.08 -15.44
N GLY A 98 -0.05 14.98 -15.96
CA GLY A 98 0.37 14.49 -17.26
C GLY A 98 1.63 13.64 -17.30
N THR A 99 2.31 13.48 -16.16
CA THR A 99 3.52 12.67 -16.15
C THR A 99 3.30 11.44 -15.26
N PRO A 100 3.99 10.33 -15.57
CA PRO A 100 3.85 9.13 -14.74
C PRO A 100 4.10 9.42 -13.25
N SER A 101 3.27 8.82 -12.42
CA SER A 101 3.38 9.00 -10.98
C SER A 101 3.02 7.67 -10.32
N PHE A 102 2.63 7.72 -9.06
CA PHE A 102 2.32 6.49 -8.33
C PHE A 102 1.51 6.82 -7.10
N PHE A 103 0.89 5.79 -6.51
CA PHE A 103 0.24 5.91 -5.22
C PHE A 103 1.14 6.65 -4.24
N ARG A 104 0.58 7.59 -3.49
CA ARG A 104 1.41 8.45 -2.65
CA ARG A 104 1.38 8.47 -2.65
C ARG A 104 1.66 7.93 -1.24
N ASN A 105 0.88 6.95 -0.79
CA ASN A 105 1.01 6.51 0.60
C ASN A 105 1.74 5.19 0.78
N VAL A 106 2.11 4.57 -0.35
CA VAL A 106 2.92 3.36 -0.36
C VAL A 106 4.08 3.60 -1.32
N VAL A 107 5.14 2.81 -1.18
CA VAL A 107 6.41 3.06 -1.83
C VAL A 107 6.79 1.94 -2.79
N TRP A 108 6.97 2.26 -4.06
CA TRP A 108 7.42 1.28 -5.04
C TRP A 108 8.94 1.14 -5.00
N LEU A 109 9.44 0.19 -4.21
CA LEU A 109 10.89 0.06 -4.04
C LEU A 109 11.52 -0.60 -5.28
N ILE A 110 12.63 -0.03 -5.73
CA ILE A 110 13.31 -0.48 -6.92
C ILE A 110 14.77 -0.69 -6.60
N LYS A 111 15.43 -1.60 -7.34
CA LYS A 111 16.84 -1.86 -7.12
C LYS A 111 17.68 -0.58 -7.30
N LYS A 112 18.84 -0.58 -6.67
CA LYS A 112 19.71 0.60 -6.72
C LYS A 112 21.11 0.10 -6.98
N ASN A 113 21.78 0.66 -7.99
CA ASN A 113 23.10 0.21 -8.38
C ASN A 113 23.13 -1.30 -8.63
N ASN A 114 22.12 -1.77 -9.37
CA ASN A 114 22.01 -3.16 -9.79
C ASN A 114 21.97 -4.16 -8.65
N THR A 115 21.48 -3.72 -7.50
CA THR A 115 21.36 -4.57 -6.32
CA THR A 115 21.31 -4.63 -6.36
C THR A 115 20.03 -4.30 -5.60
N TYR A 116 19.37 -5.36 -5.14
CA TYR A 116 18.21 -5.19 -4.28
C TYR A 116 18.46 -6.01 -3.02
N PRO A 117 19.07 -5.39 -2.01
CA PRO A 117 19.33 -6.11 -0.76
C PRO A 117 18.05 -6.61 -0.13
N THR A 118 18.17 -7.74 0.58
CA THR A 118 17.01 -8.25 1.29
C THR A 118 16.64 -7.27 2.40
N ILE A 119 15.37 -6.89 2.40
CA ILE A 119 14.78 -5.97 3.35
C ILE A 119 14.31 -6.69 4.59
N LYS A 120 14.64 -6.13 5.75
CA LYS A 120 14.04 -6.53 7.01
C LYS A 120 13.60 -5.25 7.71
N ARG A 121 12.29 -5.08 7.86
CA ARG A 121 11.80 -3.88 8.51
C ARG A 121 10.67 -4.24 9.46
N SER A 122 10.70 -3.68 10.66
CA SER A 122 9.63 -3.89 11.62
C SER A 122 9.07 -2.54 12.02
N TYR A 123 7.79 -2.52 12.35
CA TYR A 123 7.20 -1.34 12.97
C TYR A 123 6.37 -1.76 14.15
N ASN A 124 6.60 -1.11 15.28
CA ASN A 124 5.92 -1.44 16.52
C ASN A 124 4.85 -0.38 16.82
N ASN A 125 3.62 -0.81 17.04
CA ASN A 125 2.54 0.15 17.30
C ASN A 125 2.61 0.69 18.72
N THR A 126 3.29 1.82 18.86
CA THR A 126 3.47 2.47 20.17
C THR A 126 2.31 3.42 20.48
N ASN A 127 1.27 3.38 19.65
CA ASN A 127 0.12 4.26 19.85
C ASN A 127 -0.93 3.56 20.69
N GLN A 128 -1.95 4.31 21.11
CA GLN A 128 -3.01 3.73 21.92
C GLN A 128 -4.12 3.19 21.05
N GLU A 129 -4.08 3.53 19.77
CA GLU A 129 -5.12 3.14 18.82
C GLU A 129 -4.65 2.06 17.86
N ASP A 130 -5.59 1.23 17.42
CA ASP A 130 -5.40 0.32 16.31
C ASP A 130 -4.89 1.05 15.08
N LEU A 131 -4.01 0.37 14.33
CA LEU A 131 -3.47 0.92 13.09
C LEU A 131 -3.87 0.11 11.89
N LEU A 132 -4.44 0.79 10.90
CA LEU A 132 -4.64 0.19 9.58
C LEU A 132 -3.38 0.37 8.75
N ILE A 133 -2.81 -0.74 8.31
CA ILE A 133 -1.58 -0.72 7.51
C ILE A 133 -1.82 -1.44 6.19
N LEU A 134 -1.34 -0.84 5.09
CA LEU A 134 -1.49 -1.43 3.76
C LEU A 134 -0.14 -1.64 3.08
N TRP A 135 -0.05 -2.67 2.25
CA TRP A 135 1.15 -2.94 1.46
C TRP A 135 0.74 -3.66 0.20
N GLY A 136 1.67 -3.87 -0.71
CA GLY A 136 1.32 -4.59 -1.93
C GLY A 136 2.44 -5.37 -2.53
N ILE A 137 2.11 -6.09 -3.61
CA ILE A 137 3.06 -6.85 -4.39
C ILE A 137 2.88 -6.51 -5.86
N HIS A 138 3.99 -6.33 -6.56
CA HIS A 138 3.98 -6.12 -8.00
C HIS A 138 4.27 -7.43 -8.72
N HIS A 139 3.34 -7.84 -9.57
CA HIS A 139 3.53 -9.00 -10.44
C HIS A 139 4.11 -8.52 -11.75
N SER A 140 5.36 -8.89 -12.02
CA SER A 140 6.05 -8.48 -13.24
C SER A 140 5.67 -9.36 -14.44
N ASN A 141 6.06 -8.94 -15.63
CA ASN A 141 5.58 -9.61 -16.84
CA ASN A 141 5.61 -9.58 -16.88
C ASN A 141 6.51 -10.70 -17.38
N ASP A 142 7.80 -10.58 -17.12
CA ASP A 142 8.77 -11.56 -17.61
C ASP A 142 10.10 -11.45 -16.86
N ALA A 143 10.99 -12.40 -17.11
CA ALA A 143 12.26 -12.45 -16.41
C ALA A 143 13.06 -11.17 -16.59
N ALA A 144 13.02 -10.60 -17.78
CA ALA A 144 13.79 -9.38 -18.06
C ALA A 144 13.30 -8.20 -17.24
N GLU A 145 11.99 -8.00 -17.19
CA GLU A 145 11.43 -6.92 -16.38
C GLU A 145 11.73 -7.13 -14.91
N GLN A 146 11.63 -8.39 -14.48
CA GLN A 146 11.93 -8.74 -13.10
C GLN A 146 13.36 -8.33 -12.73
N THR A 147 14.31 -8.63 -13.61
CA THR A 147 15.71 -8.26 -13.42
C THR A 147 15.91 -6.75 -13.41
N LYS A 148 15.27 -6.08 -14.37
CA LYS A 148 15.40 -4.64 -14.50
C LYS A 148 14.97 -3.90 -13.24
N LEU A 149 13.86 -4.34 -12.66
CA LEU A 149 13.28 -3.63 -11.53
C LEU A 149 13.86 -4.07 -10.20
N TYR A 150 14.09 -5.38 -10.06
CA TYR A 150 14.38 -5.93 -8.73
C TYR A 150 15.66 -6.74 -8.61
N GLN A 151 16.36 -6.92 -9.73
CA GLN A 151 17.60 -7.71 -9.83
C GLN A 151 17.40 -9.21 -9.57
N ASN A 152 16.80 -9.55 -8.42
CA ASN A 152 16.65 -10.94 -8.01
C ASN A 152 15.53 -11.66 -8.76
N PRO A 153 15.81 -12.86 -9.31
CA PRO A 153 14.77 -13.51 -10.12
C PRO A 153 13.63 -14.15 -9.32
N THR A 154 13.93 -14.61 -8.11
CA THR A 154 13.03 -15.41 -7.30
C THR A 154 12.80 -14.69 -6.00
N THR A 155 11.61 -14.13 -5.86
CA THR A 155 11.37 -13.20 -4.77
C THR A 155 10.13 -13.51 -3.96
N TYR A 156 9.94 -12.72 -2.91
CA TYR A 156 8.89 -12.95 -1.94
C TYR A 156 8.70 -11.69 -1.09
N ILE A 157 7.54 -11.62 -0.45
CA ILE A 157 7.27 -10.66 0.60
C ILE A 157 6.66 -11.43 1.76
N SER A 158 7.35 -11.47 2.89
CA SER A 158 6.81 -12.08 4.10
CA SER A 158 6.79 -12.06 4.08
C SER A 158 6.33 -10.98 5.04
N VAL A 159 5.13 -11.17 5.58
CA VAL A 159 4.55 -10.21 6.51
C VAL A 159 4.04 -10.97 7.72
N GLY A 160 4.44 -10.52 8.91
CA GLY A 160 3.97 -11.14 10.14
C GLY A 160 3.54 -10.16 11.20
N THR A 161 2.47 -10.51 11.91
CA THR A 161 2.09 -9.83 13.14
C THR A 161 1.76 -10.95 14.14
N SER A 162 1.18 -10.58 15.28
CA SER A 162 0.78 -11.63 16.23
C SER A 162 -0.36 -12.51 15.70
N THR A 163 -1.05 -12.06 14.66
CA THR A 163 -2.17 -12.82 14.10
C THR A 163 -2.04 -13.09 12.60
N LEU A 164 -1.15 -12.37 11.93
CA LEU A 164 -0.98 -12.53 10.48
C LEU A 164 0.33 -13.23 10.17
N ASN A 165 0.28 -14.20 9.26
CA ASN A 165 1.48 -14.88 8.74
C ASN A 165 1.32 -15.10 7.24
N GLN A 166 1.89 -14.19 6.47
CA GLN A 166 1.67 -14.16 5.05
C GLN A 166 2.98 -14.24 4.26
N ARG A 167 2.99 -14.96 3.15
CA ARG A 167 4.12 -14.92 2.26
C ARG A 167 3.61 -14.78 0.84
N LEU A 168 3.88 -13.62 0.24
CA LEU A 168 3.42 -13.32 -1.10
C LEU A 168 4.53 -13.60 -2.10
N VAL A 169 4.18 -14.19 -3.24
CA VAL A 169 5.15 -14.55 -4.26
C VAL A 169 4.64 -14.06 -5.60
N PRO A 170 5.47 -13.32 -6.35
CA PRO A 170 4.94 -12.77 -7.61
C PRO A 170 4.66 -13.87 -8.62
N LYS A 171 3.62 -13.63 -9.42
CA LYS A 171 3.32 -14.50 -10.53
C LYS A 171 3.84 -13.81 -11.76
N ILE A 172 5.00 -14.23 -12.25
CA ILE A 172 5.66 -13.60 -13.38
C ILE A 172 5.14 -14.24 -14.66
N ALA A 173 4.38 -13.49 -15.42
CA ALA A 173 3.70 -14.06 -16.60
C ALA A 173 3.25 -12.95 -17.53
N THR A 174 3.20 -13.26 -18.83
CA THR A 174 2.69 -12.28 -19.79
C THR A 174 1.20 -12.12 -19.59
N ARG A 175 0.75 -10.87 -19.63
CA ARG A 175 -0.66 -10.54 -19.38
C ARG A 175 -1.15 -9.47 -20.34
N SER A 176 -2.46 -9.36 -20.50
CA SER A 176 -3.04 -8.29 -21.29
CA SER A 176 -3.02 -8.28 -21.30
C SER A 176 -2.74 -6.93 -20.65
N LYS A 177 -2.67 -5.90 -21.48
CA LYS A 177 -2.50 -4.55 -20.97
C LYS A 177 -3.83 -4.03 -20.45
N VAL A 178 -3.83 -3.55 -19.21
CA VAL A 178 -4.98 -2.90 -18.60
C VAL A 178 -4.48 -1.56 -18.11
N ASN A 179 -5.16 -0.49 -18.53
CA ASN A 179 -4.69 0.86 -18.34
C ASN A 179 -3.22 0.99 -18.76
N GLY A 180 -2.87 0.31 -19.85
CA GLY A 180 -1.55 0.42 -20.44
C GLY A 180 -0.49 -0.47 -19.85
N GLN A 181 -0.86 -1.23 -18.82
CA GLN A 181 0.11 -2.02 -18.06
C GLN A 181 -0.08 -3.52 -18.19
N SER A 182 1.01 -4.26 -18.46
CA SER A 182 0.95 -5.71 -18.43
C SER A 182 1.15 -6.24 -17.01
N GLY A 183 1.75 -5.43 -16.15
CA GLY A 183 1.96 -5.81 -14.76
C GLY A 183 0.67 -5.71 -13.98
N ARG A 184 0.70 -6.22 -12.76
CA ARG A 184 -0.43 -6.09 -11.84
C ARG A 184 0.10 -5.78 -10.45
N MET A 185 -0.68 -5.07 -9.67
CA MET A 185 -0.36 -4.85 -8.27
C MET A 185 -1.51 -5.25 -7.38
N ASP A 186 -1.22 -6.13 -6.43
CA ASP A 186 -2.22 -6.58 -5.47
C ASP A 186 -1.92 -5.98 -4.12
N PHE A 187 -2.96 -5.49 -3.45
CA PHE A 187 -2.79 -4.83 -2.17
C PHE A 187 -3.45 -5.62 -1.05
N PHE A 188 -2.83 -5.53 0.12
CA PHE A 188 -3.24 -6.24 1.33
C PHE A 188 -3.23 -5.30 2.51
N TRP A 189 -3.92 -5.67 3.57
CA TRP A 189 -4.01 -4.81 4.75
C TRP A 189 -4.20 -5.64 6.00
N THR A 190 -3.93 -5.00 7.13
CA THR A 190 -4.22 -5.61 8.42
C THR A 190 -4.42 -4.51 9.44
N ILE A 191 -4.95 -4.91 10.59
CA ILE A 191 -5.09 -4.02 11.73
C ILE A 191 -4.05 -4.42 12.77
N LEU A 192 -3.13 -3.52 13.04
CA LEU A 192 -2.05 -3.79 13.98
C LEU A 192 -2.46 -3.23 15.34
N LYS A 193 -2.64 -4.12 16.30
CA LYS A 193 -3.05 -3.76 17.67
C LYS A 193 -1.96 -3.02 18.42
N PRO A 194 -2.34 -2.19 19.42
CA PRO A 194 -1.31 -1.51 20.23
C PRO A 194 -0.29 -2.49 20.81
N ASN A 195 0.97 -2.04 20.78
CA ASN A 195 2.10 -2.84 21.27
CA ASN A 195 2.20 -2.77 21.16
C ASN A 195 2.41 -4.11 20.46
N ASP A 196 1.67 -4.36 19.38
CA ASP A 196 2.05 -5.45 18.47
C ASP A 196 2.99 -4.86 17.42
N ALA A 197 3.72 -5.72 16.71
CA ALA A 197 4.61 -5.23 15.67
C ALA A 197 4.32 -5.93 14.36
N ILE A 198 4.53 -5.20 13.27
CA ILE A 198 4.44 -5.81 11.95
C ILE A 198 5.88 -5.95 11.41
N ASN A 199 6.16 -7.12 10.86
CA ASN A 199 7.49 -7.45 10.36
C ASN A 199 7.46 -7.81 8.89
N PHE A 200 8.31 -7.16 8.11
CA PHE A 200 8.43 -7.42 6.68
C PHE A 200 9.79 -7.99 6.34
N GLU A 201 9.83 -8.98 5.46
CA GLU A 201 11.09 -9.40 4.85
C GLU A 201 10.82 -9.58 3.36
N SER A 202 11.63 -8.97 2.51
CA SER A 202 11.42 -9.07 1.06
C SER A 202 12.71 -8.86 0.29
N ASN A 203 12.85 -9.57 -0.82
CA ASN A 203 13.94 -9.31 -1.76
C ASN A 203 13.46 -8.85 -3.13
N GLY A 204 12.25 -8.32 -3.20
CA GLY A 204 11.77 -7.73 -4.44
C GLY A 204 10.26 -7.70 -4.55
N ASN A 205 9.76 -6.85 -5.46
CA ASN A 205 8.34 -6.80 -5.81
C ASN A 205 7.45 -6.25 -4.72
N PHE A 206 8.06 -5.59 -3.75
CA PHE A 206 7.42 -5.09 -2.54
C PHE A 206 6.98 -3.63 -2.70
N ILE A 207 5.69 -3.39 -2.52
CA ILE A 207 5.16 -2.04 -2.43
C ILE A 207 4.96 -1.76 -0.94
N ALA A 208 5.84 -0.96 -0.36
CA ALA A 208 5.95 -0.88 1.10
C ALA A 208 5.05 0.19 1.68
N PRO A 209 4.59 0.01 2.92
CA PRO A 209 3.85 1.11 3.57
C PRO A 209 4.75 2.31 3.81
N GLU A 210 4.21 3.52 3.69
CA GLU A 210 4.86 4.67 4.31
C GLU A 210 3.95 5.23 5.42
N TYR A 211 2.70 5.50 5.04
CA TYR A 211 1.70 6.02 5.98
C TYR A 211 0.70 4.97 6.38
N ALA A 212 0.28 5.03 7.64
CA ALA A 212 -0.76 4.15 8.18
C ALA A 212 -1.84 5.01 8.83
N TYR A 213 -2.91 4.38 9.32
CA TYR A 213 -4.06 5.12 9.83
C TYR A 213 -4.48 4.64 11.22
N LYS A 214 -4.41 5.55 12.19
CA LYS A 214 -4.96 5.27 13.51
C LYS A 214 -6.47 5.33 13.39
N ILE A 215 -7.15 4.28 13.85
CA ILE A 215 -8.60 4.21 13.74
C ILE A 215 -9.26 3.91 15.08
N VAL A 216 -10.41 4.54 15.32
CA VAL A 216 -11.20 4.25 16.50
C VAL A 216 -12.63 3.96 16.05
N LYS A 217 -13.13 2.80 16.48
CA LYS A 217 -14.50 2.38 16.18
C LYS A 217 -15.54 3.19 16.95
N LYS A 218 -16.65 3.46 16.30
CA LYS A 218 -17.84 3.96 16.96
C LYS A 218 -18.17 3.08 18.17
N GLY A 219 -18.34 3.71 19.32
CA GLY A 219 -18.60 2.98 20.54
C GLY A 219 -17.38 2.84 21.44
N ASP A 220 -16.19 3.12 20.92
CA ASP A 220 -14.96 2.90 21.69
C ASP A 220 -14.33 4.16 22.28
N SER A 221 -14.93 5.32 22.04
CA SER A 221 -14.39 6.57 22.57
C SER A 221 -14.84 6.86 23.99
N ALA A 222 -14.07 7.69 24.68
CA ALA A 222 -14.53 8.19 25.96
C ALA A 222 -15.69 9.15 25.74
N ILE A 223 -16.55 9.26 26.76
CA ILE A 223 -17.67 10.18 26.75
C ILE A 223 -17.22 11.54 27.28
#